data_2KYB
#
_entry.id   2KYB
#
_entity_poly.entity_id   1
_entity_poly.type   'polypeptide(L)'
_entity_poly.pdbx_seq_one_letter_code
;MKTGIVNVSSSLNVRSSASTSSKVIGSLSGNTKVTIVGEEGAFYKIEYKGSHGYVAKEYI
;
_entity_poly.pdbx_strand_id   A
#
# COMPACT_ATOMS: atom_id res chain seq x y z
N MET A 1 -12.68 -11.53 2.49
CA MET A 1 -12.67 -11.54 3.99
C MET A 1 -11.23 -11.58 4.46
N LYS A 2 -10.45 -12.50 3.89
CA LYS A 2 -9.05 -12.63 4.28
C LYS A 2 -8.27 -11.38 3.91
N THR A 3 -7.61 -10.79 4.89
CA THR A 3 -6.81 -9.58 4.68
C THR A 3 -5.36 -9.95 4.48
N GLY A 4 -4.60 -9.00 3.92
CA GLY A 4 -3.18 -9.20 3.65
C GLY A 4 -2.32 -8.52 4.71
N ILE A 5 -1.10 -9.00 4.88
CA ILE A 5 -0.17 -8.44 5.89
C ILE A 5 0.99 -7.74 5.17
N VAL A 6 1.23 -6.49 5.56
CA VAL A 6 2.30 -5.71 4.96
C VAL A 6 3.66 -6.29 5.38
N ASN A 7 4.55 -6.48 4.39
CA ASN A 7 5.88 -7.02 4.67
C ASN A 7 6.60 -6.16 5.73
N VAL A 8 6.76 -6.72 6.92
CA VAL A 8 7.43 -6.01 8.01
C VAL A 8 8.92 -5.80 7.68
N SER A 9 9.17 -4.90 6.74
CA SER A 9 10.56 -4.60 6.32
C SER A 9 11.17 -3.54 7.25
N SER A 10 11.26 -2.31 6.76
CA SER A 10 11.84 -1.21 7.56
C SER A 10 11.36 0.14 7.06
N SER A 11 11.06 0.19 5.77
CA SER A 11 10.57 1.44 5.16
C SER A 11 9.71 1.16 3.94
N LEU A 12 8.70 1.98 3.72
CA LEU A 12 7.83 1.79 2.55
C LEU A 12 7.17 3.12 2.16
N ASN A 13 7.41 3.56 0.93
CA ASN A 13 6.83 4.81 0.42
C ASN A 13 5.47 4.53 -0.23
N VAL A 14 4.50 5.37 0.11
CA VAL A 14 3.14 5.21 -0.44
C VAL A 14 2.91 6.26 -1.52
N ARG A 15 2.46 5.80 -2.69
CA ARG A 15 2.18 6.70 -3.82
C ARG A 15 0.69 7.03 -3.87
N SER A 16 0.32 7.84 -4.86
CA SER A 16 -1.09 8.25 -5.03
C SER A 16 -1.71 7.52 -6.21
N SER A 17 -0.88 6.78 -6.95
CA SER A 17 -1.36 6.02 -8.12
C SER A 17 -0.26 5.09 -8.64
N ALA A 18 -0.60 4.33 -9.67
CA ALA A 18 0.36 3.38 -10.28
C ALA A 18 1.42 4.14 -11.09
N SER A 19 1.87 5.26 -10.54
CA SER A 19 2.91 6.09 -11.19
C SER A 19 3.94 6.57 -10.16
N THR A 20 5.21 6.50 -10.56
CA THR A 20 6.31 6.93 -9.68
C THR A 20 6.34 8.45 -9.59
N SER A 21 5.87 9.11 -10.64
CA SER A 21 5.87 10.58 -10.67
C SER A 21 4.92 11.13 -9.60
N SER A 22 3.97 10.31 -9.16
CA SER A 22 3.02 10.72 -8.11
C SER A 22 3.77 11.20 -6.87
N LYS A 23 4.95 10.64 -6.66
CA LYS A 23 5.78 11.00 -5.51
C LYS A 23 5.17 10.45 -4.23
N VAL A 24 5.80 10.76 -3.10
CA VAL A 24 5.32 10.31 -1.79
C VAL A 24 4.18 11.21 -1.33
N ILE A 25 3.40 10.70 -0.38
CA ILE A 25 2.26 11.45 0.16
C ILE A 25 2.04 11.09 1.64
N GLY A 26 2.53 9.93 2.04
CA GLY A 26 2.38 9.47 3.42
C GLY A 26 3.16 8.19 3.65
N SER A 27 3.35 7.86 4.92
CA SER A 27 4.09 6.63 5.31
C SER A 27 3.18 5.70 6.10
N LEU A 28 3.21 4.43 5.71
CA LEU A 28 2.38 3.40 6.38
C LEU A 28 3.24 2.59 7.34
N SER A 29 2.58 2.02 8.35
CA SER A 29 3.26 1.22 9.36
C SER A 29 3.23 -0.26 8.96
N GLY A 30 4.33 -0.96 9.25
CA GLY A 30 4.42 -2.39 8.93
C GLY A 30 3.57 -3.20 9.90
N ASN A 31 3.16 -4.38 9.45
CA ASN A 31 2.35 -5.29 10.29
C ASN A 31 0.95 -4.71 10.48
N THR A 32 0.59 -3.75 9.62
CA THR A 32 -0.73 -3.11 9.71
C THR A 32 -1.75 -3.90 8.88
N LYS A 33 -2.97 -4.00 9.40
CA LYS A 33 -4.02 -4.73 8.71
C LYS A 33 -4.68 -3.83 7.67
N VAL A 34 -4.88 -4.39 6.48
CA VAL A 34 -5.51 -3.63 5.38
C VAL A 34 -6.46 -4.55 4.58
N THR A 35 -7.72 -4.14 4.48
CA THR A 35 -8.71 -4.93 3.74
C THR A 35 -8.63 -4.58 2.26
N ILE A 36 -7.76 -5.28 1.55
CA ILE A 36 -7.61 -5.05 0.08
C ILE A 36 -8.95 -4.68 -0.57
N VAL A 37 -8.90 -3.81 -1.57
CA VAL A 37 -10.11 -3.34 -2.25
C VAL A 37 -9.78 -2.91 -3.68
N GLY A 38 -9.41 -3.88 -4.52
CA GLY A 38 -9.08 -3.61 -5.92
C GLY A 38 -7.60 -3.45 -6.09
N GLU A 39 -7.17 -3.46 -7.35
CA GLU A 39 -5.76 -3.34 -7.68
C GLU A 39 -5.58 -2.74 -9.06
N GLU A 40 -4.42 -2.14 -9.29
CA GLU A 40 -4.12 -1.54 -10.59
C GLU A 40 -2.60 -1.51 -10.83
N GLY A 41 -2.18 -2.04 -11.96
CA GLY A 41 -0.76 -2.07 -12.33
C GLY A 41 0.05 -2.85 -11.30
N ALA A 42 1.34 -2.51 -11.17
CA ALA A 42 2.22 -3.17 -10.21
C ALA A 42 1.94 -2.64 -8.80
N PHE A 43 0.68 -2.40 -8.48
CA PHE A 43 0.29 -1.88 -7.17
C PHE A 43 -1.12 -2.34 -6.81
N TYR A 44 -1.40 -2.32 -5.50
CA TYR A 44 -2.71 -2.72 -4.95
C TYR A 44 -3.37 -1.54 -4.24
N LYS A 45 -4.69 -1.63 -4.12
CA LYS A 45 -5.47 -0.59 -3.47
C LYS A 45 -5.81 -1.01 -2.04
N ILE A 46 -5.82 -0.03 -1.14
CA ILE A 46 -6.11 -0.28 0.27
C ILE A 46 -6.79 0.94 0.89
N GLU A 47 -7.25 0.77 2.12
CA GLU A 47 -7.92 1.84 2.85
C GLU A 47 -7.48 1.85 4.31
N TYR A 48 -6.63 2.81 4.66
CA TYR A 48 -6.14 2.94 6.03
C TYR A 48 -6.08 4.41 6.42
N LYS A 49 -5.97 4.66 7.73
CA LYS A 49 -5.90 6.04 8.25
C LYS A 49 -7.05 6.91 7.69
N GLY A 50 -8.15 6.25 7.32
CA GLY A 50 -9.31 6.96 6.76
C GLY A 50 -9.01 7.42 5.33
N SER A 51 -7.76 7.28 4.91
CA SER A 51 -7.29 7.66 3.57
C SER A 51 -6.98 6.41 2.74
N HIS A 52 -6.67 6.64 1.48
CA HIS A 52 -6.36 5.53 0.54
C HIS A 52 -5.06 5.84 -0.23
N GLY A 53 -4.20 4.83 -0.31
CA GLY A 53 -2.92 4.98 -1.02
C GLY A 53 -2.55 3.68 -1.72
N TYR A 54 -1.75 3.80 -2.78
CA TYR A 54 -1.31 2.63 -3.55
C TYR A 54 0.00 2.09 -2.98
N VAL A 55 0.15 0.77 -3.02
CA VAL A 55 1.37 0.12 -2.51
C VAL A 55 1.76 -1.05 -3.40
N ALA A 56 3.06 -1.27 -3.52
CA ALA A 56 3.57 -2.35 -4.34
C ALA A 56 3.12 -3.69 -3.77
N LYS A 57 2.73 -4.60 -4.68
CA LYS A 57 2.26 -5.93 -4.26
C LYS A 57 3.43 -6.90 -4.19
N GLU A 58 4.48 -6.61 -4.96
CA GLU A 58 5.65 -7.48 -5.00
C GLU A 58 6.36 -7.48 -3.65
N TYR A 59 6.39 -6.32 -3.01
CA TYR A 59 7.04 -6.17 -1.71
C TYR A 59 6.24 -6.91 -0.64
N ILE A 60 4.93 -6.98 -0.83
CA ILE A 60 4.06 -7.65 0.13
C ILE A 60 4.08 -9.16 -0.14
N MET A 1 -4.78 -14.54 0.95
CA MET A 1 -6.11 -14.35 1.59
C MET A 1 -6.61 -12.93 1.28
N LYS A 2 -7.78 -12.61 1.82
CA LYS A 2 -8.38 -11.29 1.59
C LYS A 2 -7.55 -10.20 2.24
N THR A 3 -6.72 -10.61 3.20
CA THR A 3 -5.84 -9.67 3.94
C THR A 3 -4.43 -10.22 4.01
N GLY A 4 -3.47 -9.31 4.13
CA GLY A 4 -2.04 -9.68 4.21
C GLY A 4 -1.33 -8.80 5.21
N ILE A 5 -0.17 -9.27 5.67
CA ILE A 5 0.66 -8.53 6.65
C ILE A 5 1.88 -7.93 5.93
N VAL A 6 2.17 -6.67 6.26
CA VAL A 6 3.31 -5.99 5.64
C VAL A 6 4.58 -6.83 5.83
N ASN A 7 5.10 -7.36 4.72
CA ASN A 7 6.32 -8.18 4.76
C ASN A 7 7.46 -7.40 5.41
N VAL A 8 7.49 -7.40 6.73
CA VAL A 8 8.53 -6.70 7.49
C VAL A 8 8.70 -5.24 6.95
N SER A 9 9.94 -4.90 6.60
CA SER A 9 10.24 -3.56 6.06
C SER A 9 9.81 -2.47 7.06
N SER A 10 10.66 -1.47 7.25
CA SER A 10 10.34 -0.37 8.18
C SER A 10 8.99 0.26 7.83
N SER A 11 8.92 0.89 6.67
CA SER A 11 7.68 1.54 6.20
C SER A 11 7.60 1.49 4.67
N LEU A 12 6.37 1.55 4.18
CA LEU A 12 6.11 1.50 2.72
C LEU A 12 5.80 2.91 2.20
N ASN A 13 6.28 3.20 1.00
CA ASN A 13 6.09 4.50 0.36
C ASN A 13 4.75 4.52 -0.36
N VAL A 14 3.75 5.12 0.28
CA VAL A 14 2.40 5.19 -0.29
C VAL A 14 2.37 6.35 -1.30
N ARG A 15 1.76 6.08 -2.44
CA ARG A 15 1.64 7.06 -3.53
C ARG A 15 0.18 7.36 -3.81
N SER A 16 -0.05 8.19 -4.82
CA SER A 16 -1.43 8.57 -5.20
C SER A 16 -1.99 7.59 -6.22
N SER A 17 -1.10 6.88 -6.91
CA SER A 17 -1.51 5.90 -7.93
C SER A 17 -0.28 5.16 -8.49
N ALA A 18 -0.52 4.36 -9.52
CA ALA A 18 0.57 3.60 -10.19
C ALA A 18 1.63 4.56 -10.81
N SER A 19 1.61 5.81 -10.36
CA SER A 19 2.55 6.85 -10.84
C SER A 19 3.67 7.05 -9.81
N THR A 20 4.81 6.41 -10.06
CA THR A 20 5.96 6.51 -9.17
C THR A 20 6.50 7.95 -9.15
N SER A 21 5.90 8.80 -9.98
CA SER A 21 6.30 10.21 -10.08
C SER A 21 5.37 11.09 -9.23
N SER A 22 4.36 10.49 -8.63
CA SER A 22 3.41 11.22 -7.78
C SER A 22 4.02 11.51 -6.43
N LYS A 23 5.23 10.97 -6.21
CA LYS A 23 5.96 11.17 -4.96
C LYS A 23 5.21 10.48 -3.80
N VAL A 24 5.55 10.87 -2.58
CA VAL A 24 4.93 10.31 -1.37
C VAL A 24 3.77 11.21 -0.93
N ILE A 25 2.86 10.62 -0.17
CA ILE A 25 1.69 11.36 0.34
C ILE A 25 1.42 11.01 1.80
N GLY A 26 1.95 9.86 2.23
CA GLY A 26 1.75 9.41 3.61
C GLY A 26 2.83 8.42 4.00
N SER A 27 2.50 7.55 4.96
CA SER A 27 3.43 6.54 5.44
C SER A 27 2.69 5.40 6.11
N LEU A 28 3.24 4.21 6.01
CA LEU A 28 2.64 3.00 6.62
C LEU A 28 3.62 2.34 7.59
N SER A 29 3.06 1.62 8.56
CA SER A 29 3.86 0.91 9.58
C SER A 29 3.92 -0.58 9.27
N GLY A 30 4.91 -1.25 9.83
CA GLY A 30 5.09 -2.70 9.62
C GLY A 30 4.12 -3.49 10.51
N ASN A 31 4.00 -4.78 10.24
CA ASN A 31 3.11 -5.65 11.01
C ASN A 31 1.68 -5.11 11.01
N THR A 32 1.38 -4.27 10.02
CA THR A 32 0.03 -3.68 9.89
C THR A 32 -0.85 -4.58 9.04
N LYS A 33 -2.15 -4.52 9.32
CA LYS A 33 -3.13 -5.33 8.59
C LYS A 33 -3.89 -4.46 7.58
N VAL A 34 -4.32 -5.08 6.49
CA VAL A 34 -5.07 -4.37 5.46
C VAL A 34 -5.90 -5.37 4.66
N THR A 35 -7.08 -4.93 4.22
CA THR A 35 -7.97 -5.78 3.40
C THR A 35 -7.94 -5.31 1.96
N ILE A 36 -7.27 -6.06 1.11
CA ILE A 36 -7.19 -5.72 -0.33
C ILE A 36 -8.56 -5.22 -0.87
N VAL A 37 -8.54 -4.12 -1.63
CA VAL A 37 -9.78 -3.53 -2.17
C VAL A 37 -9.46 -2.62 -3.40
N GLY A 38 -9.49 -3.24 -4.58
CA GLY A 38 -9.22 -2.52 -5.84
C GLY A 38 -7.88 -2.95 -6.43
N GLU A 39 -7.94 -3.58 -7.60
CA GLU A 39 -6.74 -4.08 -8.29
C GLU A 39 -6.43 -3.17 -9.47
N GLU A 40 -5.16 -2.78 -9.59
CA GLU A 40 -4.74 -1.91 -10.68
C GLU A 40 -3.27 -2.17 -11.01
N GLY A 41 -3.04 -2.90 -12.10
CA GLY A 41 -1.68 -3.23 -12.53
C GLY A 41 -0.90 -3.95 -11.43
N ALA A 42 0.41 -3.76 -11.41
CA ALA A 42 1.26 -4.39 -10.38
C ALA A 42 1.07 -3.69 -9.02
N PHE A 43 -0.01 -2.93 -8.88
CA PHE A 43 -0.30 -2.19 -7.64
C PHE A 43 -1.75 -2.38 -7.24
N TYR A 44 -2.02 -2.17 -5.95
CA TYR A 44 -3.37 -2.31 -5.38
C TYR A 44 -3.74 -1.05 -4.63
N LYS A 45 -5.03 -0.93 -4.35
CA LYS A 45 -5.56 0.24 -3.63
C LYS A 45 -5.95 -0.15 -2.21
N ILE A 46 -5.46 0.63 -1.26
CA ILE A 46 -5.74 0.41 0.17
C ILE A 46 -6.40 1.64 0.77
N GLU A 47 -6.89 1.47 2.00
CA GLU A 47 -7.56 2.56 2.74
C GLU A 47 -6.98 2.66 4.15
N TYR A 48 -6.12 3.66 4.36
CA TYR A 48 -5.50 3.88 5.66
C TYR A 48 -5.45 5.38 5.96
N LYS A 49 -5.30 5.70 7.24
CA LYS A 49 -5.24 7.09 7.69
C LYS A 49 -6.42 7.91 7.13
N GLY A 50 -7.52 7.23 6.85
CA GLY A 50 -8.72 7.88 6.29
C GLY A 50 -8.44 8.40 4.87
N SER A 51 -7.27 8.06 4.36
CA SER A 51 -6.80 8.45 3.00
C SER A 51 -6.60 7.23 2.12
N HIS A 52 -6.27 7.50 0.86
CA HIS A 52 -6.04 6.41 -0.13
C HIS A 52 -4.58 6.40 -0.58
N GLY A 53 -4.00 5.20 -0.63
CA GLY A 53 -2.60 5.02 -1.05
C GLY A 53 -2.45 3.79 -1.93
N TYR A 54 -1.30 3.69 -2.59
CA TYR A 54 -1.00 2.55 -3.49
C TYR A 54 0.37 1.98 -3.16
N VAL A 55 0.44 0.65 -3.12
CA VAL A 55 1.70 -0.06 -2.81
C VAL A 55 1.79 -1.33 -3.64
N ALA A 56 3.03 -1.71 -3.95
CA ALA A 56 3.28 -2.92 -4.73
C ALA A 56 2.89 -4.16 -3.91
N LYS A 57 2.06 -5.00 -4.54
CA LYS A 57 1.59 -6.23 -3.88
C LYS A 57 2.71 -7.27 -3.86
N GLU A 58 3.68 -7.10 -4.75
CA GLU A 58 4.80 -8.05 -4.85
C GLU A 58 5.64 -8.01 -3.58
N TYR A 59 5.79 -6.82 -3.03
CA TYR A 59 6.57 -6.62 -1.80
C TYR A 59 5.79 -7.14 -0.60
N ILE A 60 4.47 -7.00 -0.66
CA ILE A 60 3.60 -7.44 0.45
C ILE A 60 3.30 -8.93 0.29
N MET A 1 -7.59 -14.99 0.96
CA MET A 1 -6.78 -14.11 1.86
C MET A 1 -7.39 -12.70 1.86
N LYS A 2 -8.34 -12.48 2.75
CA LYS A 2 -9.01 -11.18 2.86
C LYS A 2 -8.03 -10.09 3.26
N THR A 3 -6.94 -10.52 3.89
CA THR A 3 -5.88 -9.60 4.35
C THR A 3 -4.51 -10.17 4.07
N GLY A 4 -3.52 -9.29 4.05
CA GLY A 4 -2.13 -9.68 3.78
C GLY A 4 -1.18 -8.95 4.73
N ILE A 5 -0.01 -9.56 4.93
CA ILE A 5 1.01 -8.98 5.82
C ILE A 5 2.05 -8.24 4.98
N VAL A 6 2.44 -7.07 5.46
CA VAL A 6 3.42 -6.23 4.77
C VAL A 6 4.82 -6.71 5.13
N ASN A 7 5.72 -6.65 4.15
CA ASN A 7 7.14 -7.08 4.36
C ASN A 7 7.34 -7.79 5.74
N VAL A 8 8.03 -7.13 6.65
CA VAL A 8 8.24 -7.68 8.01
C VAL A 8 8.19 -6.55 9.06
N SER A 9 8.99 -5.51 8.84
CA SER A 9 9.03 -4.37 9.79
C SER A 9 9.83 -3.21 9.19
N SER A 10 9.19 -2.48 8.28
CA SER A 10 9.85 -1.34 7.63
C SER A 10 8.80 -0.39 7.02
N SER A 11 9.24 0.79 6.61
CA SER A 11 8.35 1.79 6.01
C SER A 11 8.31 1.61 4.49
N LEU A 12 7.10 1.57 3.95
CA LEU A 12 6.89 1.41 2.49
C LEU A 12 6.58 2.76 1.87
N ASN A 13 6.71 2.80 0.54
CA ASN A 13 6.45 4.02 -0.23
C ASN A 13 5.00 4.04 -0.71
N VAL A 14 4.25 5.04 -0.27
CA VAL A 14 2.82 5.17 -0.68
C VAL A 14 2.68 6.24 -1.77
N ARG A 15 2.42 5.80 -2.99
CA ARG A 15 2.25 6.72 -4.15
C ARG A 15 0.81 7.27 -4.18
N SER A 16 0.49 7.98 -5.25
CA SER A 16 -0.85 8.58 -5.43
C SER A 16 -1.76 7.67 -6.27
N SER A 17 -1.15 6.82 -7.09
CA SER A 17 -1.93 5.89 -7.96
C SER A 17 -1.01 5.07 -8.88
N ALA A 18 0.14 4.66 -8.34
CA ALA A 18 1.14 3.86 -9.08
C ALA A 18 1.92 4.77 -10.04
N SER A 19 2.35 5.93 -9.55
CA SER A 19 3.12 6.90 -10.34
C SER A 19 4.39 7.34 -9.59
N THR A 20 5.55 7.04 -10.17
CA THR A 20 6.84 7.43 -9.55
C THR A 20 6.96 8.95 -9.49
N SER A 21 6.32 9.62 -10.44
CA SER A 21 6.37 11.08 -10.49
C SER A 21 5.60 11.69 -9.29
N SER A 22 4.69 10.93 -8.72
CA SER A 22 3.91 11.41 -7.55
C SER A 22 4.80 11.50 -6.33
N LYS A 23 5.69 10.52 -6.19
CA LYS A 23 6.63 10.48 -5.04
C LYS A 23 5.92 9.91 -3.80
N VAL A 24 6.58 9.99 -2.66
CA VAL A 24 6.03 9.50 -1.39
C VAL A 24 5.12 10.57 -0.77
N ILE A 25 3.82 10.33 -0.85
CA ILE A 25 2.82 11.28 -0.29
C ILE A 25 2.43 10.87 1.13
N GLY A 26 2.68 9.60 1.46
CA GLY A 26 2.36 9.07 2.79
C GLY A 26 3.39 8.04 3.24
N SER A 27 3.03 7.27 4.25
CA SER A 27 3.93 6.23 4.77
C SER A 27 3.15 5.20 5.56
N LEU A 28 3.38 3.93 5.25
CA LEU A 28 2.68 2.82 5.93
C LEU A 28 3.66 2.06 6.83
N SER A 29 3.14 1.44 7.88
CA SER A 29 3.96 0.67 8.82
C SER A 29 4.04 -0.79 8.39
N GLY A 30 5.15 -1.45 8.71
CA GLY A 30 5.34 -2.85 8.36
C GLY A 30 4.51 -3.75 9.25
N ASN A 31 4.07 -4.88 8.71
CA ASN A 31 3.24 -5.84 9.46
C ASN A 31 1.89 -5.22 9.83
N THR A 32 1.32 -4.49 8.88
CA THR A 32 0.00 -3.82 9.07
C THR A 32 -1.09 -4.55 8.27
N LYS A 33 -2.17 -4.92 8.95
CA LYS A 33 -3.29 -5.61 8.30
C LYS A 33 -4.12 -4.63 7.48
N VAL A 34 -4.67 -5.11 6.37
CA VAL A 34 -5.48 -4.27 5.49
C VAL A 34 -6.43 -5.14 4.65
N THR A 35 -7.59 -4.59 4.33
CA THR A 35 -8.59 -5.31 3.52
C THR A 35 -8.30 -5.09 2.03
N ILE A 36 -7.39 -5.89 1.48
CA ILE A 36 -7.02 -5.79 0.04
C ILE A 36 -8.29 -5.78 -0.83
N VAL A 37 -8.11 -5.50 -2.12
CA VAL A 37 -9.25 -5.44 -3.07
C VAL A 37 -8.88 -6.11 -4.41
N GLY A 38 -8.39 -5.31 -5.35
CA GLY A 38 -8.00 -5.81 -6.70
C GLY A 38 -6.52 -5.59 -6.95
N GLU A 39 -6.09 -5.85 -8.19
CA GLU A 39 -4.68 -5.67 -8.57
C GLU A 39 -4.56 -4.53 -9.62
N GLU A 40 -3.96 -3.44 -9.17
CA GLU A 40 -3.73 -2.24 -10.02
C GLU A 40 -2.25 -2.20 -10.44
N GLY A 41 -1.99 -2.71 -11.64
CA GLY A 41 -0.59 -2.73 -12.20
C GLY A 41 0.50 -2.84 -11.09
N ALA A 42 0.38 -3.90 -10.28
CA ALA A 42 1.32 -4.16 -9.15
C ALA A 42 1.01 -3.23 -7.95
N PHE A 43 -0.26 -2.86 -7.80
CA PHE A 43 -0.68 -1.96 -6.68
C PHE A 43 -2.15 -2.19 -6.32
N TYR A 44 -2.53 -1.80 -5.11
CA TYR A 44 -3.94 -1.95 -4.66
C TYR A 44 -4.35 -0.77 -3.78
N LYS A 45 -5.65 -0.64 -3.55
CA LYS A 45 -6.19 0.46 -2.73
C LYS A 45 -6.21 0.04 -1.27
N ILE A 46 -6.26 1.03 -0.39
CA ILE A 46 -6.27 0.78 1.07
C ILE A 46 -7.10 1.85 1.77
N GLU A 47 -7.64 1.48 2.94
CA GLU A 47 -8.46 2.39 3.76
C GLU A 47 -7.70 2.77 5.02
N TYR A 48 -6.84 3.78 4.91
CA TYR A 48 -6.02 4.27 6.05
C TYR A 48 -6.34 5.76 6.34
N LYS A 49 -6.47 6.08 7.62
CA LYS A 49 -6.79 7.46 8.03
C LYS A 49 -7.98 8.03 7.21
N GLY A 50 -8.85 7.13 6.74
CA GLY A 50 -10.00 7.56 5.93
C GLY A 50 -9.56 8.13 4.60
N SER A 51 -8.37 7.74 4.15
CA SER A 51 -7.79 8.22 2.88
C SER A 51 -7.33 7.05 2.01
N HIS A 52 -7.07 7.35 0.75
CA HIS A 52 -6.63 6.31 -0.22
C HIS A 52 -5.10 6.27 -0.30
N GLY A 53 -4.58 5.10 -0.67
CA GLY A 53 -3.12 4.90 -0.79
C GLY A 53 -2.82 3.73 -1.71
N TYR A 54 -1.55 3.63 -2.11
CA TYR A 54 -1.10 2.54 -3.02
C TYR A 54 0.20 1.93 -2.48
N VAL A 55 0.32 0.61 -2.61
CA VAL A 55 1.53 -0.12 -2.13
C VAL A 55 1.82 -1.31 -3.03
N ALA A 56 3.11 -1.63 -3.18
CA ALA A 56 3.53 -2.74 -4.02
C ALA A 56 3.12 -4.07 -3.37
N LYS A 57 2.73 -5.03 -4.21
CA LYS A 57 2.33 -6.36 -3.71
C LYS A 57 3.54 -7.27 -3.59
N GLU A 58 4.52 -7.09 -4.46
CA GLU A 58 5.74 -7.92 -4.43
C GLU A 58 6.35 -7.92 -3.02
N TYR A 59 6.34 -6.75 -2.38
CA TYR A 59 6.88 -6.61 -1.01
C TYR A 59 6.33 -7.73 -0.09
N ILE A 60 5.16 -8.26 -0.43
CA ILE A 60 4.53 -9.34 0.35
C ILE A 60 5.19 -10.67 -0.03
N MET A 1 -5.20 -14.42 5.55
CA MET A 1 -5.20 -14.40 4.06
C MET A 1 -6.10 -13.27 3.57
N LYS A 2 -7.06 -12.89 4.41
CA LYS A 2 -8.00 -11.81 4.05
C LYS A 2 -7.27 -10.50 3.84
N THR A 3 -6.30 -10.25 4.72
CA THR A 3 -5.48 -9.02 4.68
C THR A 3 -4.03 -9.35 4.38
N GLY A 4 -3.32 -8.37 3.86
CA GLY A 4 -1.90 -8.54 3.50
C GLY A 4 -1.02 -8.13 4.68
N ILE A 5 0.13 -8.78 4.78
CA ILE A 5 1.09 -8.48 5.88
C ILE A 5 2.26 -7.66 5.32
N VAL A 6 2.52 -6.52 5.96
CA VAL A 6 3.61 -5.64 5.54
C VAL A 6 4.88 -6.00 6.30
N ASN A 7 5.97 -6.19 5.56
CA ASN A 7 7.26 -6.53 6.18
C ASN A 7 7.57 -5.56 7.35
N VAL A 8 7.82 -6.13 8.52
CA VAL A 8 8.12 -5.33 9.72
C VAL A 8 9.23 -4.31 9.42
N SER A 9 10.41 -4.81 9.07
CA SER A 9 11.54 -3.96 8.76
C SER A 9 11.23 -3.11 7.52
N SER A 10 11.88 -1.96 7.42
CA SER A 10 11.68 -1.06 6.29
C SER A 10 10.28 -0.43 6.37
N SER A 11 9.91 0.27 5.31
CA SER A 11 8.59 0.93 5.24
C SER A 11 8.11 1.02 3.80
N LEU A 12 6.80 1.07 3.63
CA LEU A 12 6.19 1.15 2.29
C LEU A 12 5.80 2.60 1.97
N ASN A 13 6.13 3.01 0.74
CA ASN A 13 5.85 4.36 0.26
C ASN A 13 4.47 4.39 -0.40
N VAL A 14 3.65 5.35 0.02
CA VAL A 14 2.30 5.48 -0.56
C VAL A 14 2.34 6.44 -1.74
N ARG A 15 2.32 5.90 -2.95
CA ARG A 15 2.33 6.71 -4.17
C ARG A 15 0.92 7.22 -4.47
N SER A 16 0.85 8.37 -5.12
CA SER A 16 -0.43 8.97 -5.50
C SER A 16 -1.09 8.17 -6.62
N SER A 17 -0.26 7.43 -7.36
CA SER A 17 -0.76 6.62 -8.49
C SER A 17 0.27 5.57 -8.90
N ALA A 18 -0.11 4.71 -9.84
CA ALA A 18 0.78 3.65 -10.34
C ALA A 18 1.92 4.27 -11.19
N SER A 19 2.66 5.19 -10.59
CA SER A 19 3.78 5.87 -11.26
C SER A 19 4.96 6.06 -10.30
N THR A 20 6.14 5.66 -10.75
CA THR A 20 7.36 5.78 -9.94
C THR A 20 7.70 7.24 -9.72
N SER A 21 7.37 8.08 -10.70
CA SER A 21 7.65 9.52 -10.63
C SER A 21 6.69 10.19 -9.65
N SER A 22 5.75 9.42 -9.13
CA SER A 22 4.77 9.94 -8.17
C SER A 22 5.48 10.50 -6.94
N LYS A 23 4.70 10.89 -5.94
CA LYS A 23 5.25 11.46 -4.69
C LYS A 23 4.69 10.72 -3.49
N VAL A 24 5.38 10.86 -2.36
CA VAL A 24 4.96 10.20 -1.11
C VAL A 24 4.01 11.11 -0.34
N ILE A 25 2.74 10.72 -0.30
CA ILE A 25 1.71 11.50 0.41
C ILE A 25 1.68 11.11 1.88
N GLY A 26 2.28 9.96 2.20
CA GLY A 26 2.31 9.46 3.56
C GLY A 26 2.94 8.09 3.63
N SER A 27 3.12 7.58 4.85
CA SER A 27 3.72 6.25 5.07
C SER A 27 3.04 5.54 6.24
N LEU A 28 2.78 4.25 6.05
CA LEU A 28 2.11 3.44 7.08
C LEU A 28 3.17 2.62 7.82
N SER A 29 2.72 1.97 8.90
CA SER A 29 3.62 1.16 9.72
C SER A 29 3.67 -0.27 9.21
N GLY A 30 4.76 -0.96 9.51
CA GLY A 30 4.93 -2.35 9.09
C GLY A 30 4.08 -3.27 9.95
N ASN A 31 3.66 -4.38 9.37
CA ASN A 31 2.82 -5.37 10.08
C ASN A 31 1.38 -4.86 10.22
N THR A 32 1.03 -3.87 9.41
CA THR A 32 -0.33 -3.29 9.45
C THR A 32 -1.26 -4.07 8.52
N LYS A 33 -2.43 -4.41 9.04
CA LYS A 33 -3.42 -5.15 8.26
C LYS A 33 -4.21 -4.19 7.38
N VAL A 34 -4.57 -4.67 6.20
CA VAL A 34 -5.34 -3.85 5.25
C VAL A 34 -6.26 -4.76 4.42
N THR A 35 -7.53 -4.37 4.34
CA THR A 35 -8.51 -5.15 3.56
C THR A 35 -8.48 -4.69 2.12
N ILE A 36 -7.61 -5.32 1.32
CA ILE A 36 -7.50 -4.96 -0.14
C ILE A 36 -8.88 -4.55 -0.73
N VAL A 37 -8.87 -3.63 -1.68
CA VAL A 37 -10.12 -3.15 -2.30
C VAL A 37 -9.92 -2.88 -3.78
N GLY A 38 -9.59 -3.93 -4.53
CA GLY A 38 -9.36 -3.84 -5.97
C GLY A 38 -7.89 -4.01 -6.28
N GLU A 39 -7.62 -4.22 -7.57
CA GLU A 39 -6.23 -4.40 -8.04
C GLU A 39 -6.04 -3.73 -9.39
N GLU A 40 -4.84 -3.23 -9.62
CA GLU A 40 -4.52 -2.57 -10.89
C GLU A 40 -3.01 -2.65 -11.17
N GLY A 41 -2.66 -3.17 -12.34
CA GLY A 41 -1.24 -3.29 -12.71
C GLY A 41 -0.42 -3.97 -11.60
N ALA A 42 0.47 -3.20 -10.99
CA ALA A 42 1.34 -3.69 -9.90
C ALA A 42 1.00 -2.96 -8.60
N PHE A 43 -0.21 -2.40 -8.51
CA PHE A 43 -0.64 -1.67 -7.30
C PHE A 43 -2.13 -1.92 -7.05
N TYR A 44 -2.50 -1.79 -5.78
CA TYR A 44 -3.89 -2.00 -5.33
C TYR A 44 -4.32 -0.89 -4.39
N LYS A 45 -5.61 -0.86 -4.11
CA LYS A 45 -6.18 0.17 -3.22
C LYS A 45 -6.28 -0.37 -1.81
N ILE A 46 -6.21 0.54 -0.84
CA ILE A 46 -6.30 0.19 0.57
C ILE A 46 -7.05 1.28 1.33
N GLU A 47 -7.52 0.92 2.52
CA GLU A 47 -8.25 1.86 3.39
C GLU A 47 -7.60 1.92 4.76
N TYR A 48 -6.75 2.93 4.95
CA TYR A 48 -6.05 3.13 6.23
C TYR A 48 -6.09 4.61 6.63
N LYS A 49 -6.04 4.86 7.93
CA LYS A 49 -6.06 6.24 8.46
C LYS A 49 -7.32 6.98 7.96
N GLY A 50 -8.25 6.25 7.39
CA GLY A 50 -9.50 6.84 6.87
C GLY A 50 -9.26 7.45 5.50
N SER A 51 -8.03 7.35 5.01
CA SER A 51 -7.61 7.89 3.69
C SER A 51 -7.30 6.75 2.74
N HIS A 52 -7.06 7.11 1.48
CA HIS A 52 -6.75 6.11 0.42
C HIS A 52 -5.27 6.19 0.06
N GLY A 53 -4.71 5.03 -0.26
CA GLY A 53 -3.29 4.92 -0.62
C GLY A 53 -3.06 3.76 -1.56
N TYR A 54 -1.84 3.68 -2.10
CA TYR A 54 -1.46 2.58 -3.02
C TYR A 54 -0.10 2.00 -2.61
N VAL A 55 0.04 0.70 -2.82
CA VAL A 55 1.29 -0.01 -2.48
C VAL A 55 1.59 -1.08 -3.50
N ALA A 56 2.88 -1.32 -3.74
CA ALA A 56 3.32 -2.32 -4.69
C ALA A 56 2.99 -3.72 -4.17
N LYS A 57 2.82 -4.66 -5.09
CA LYS A 57 2.50 -6.06 -4.74
C LYS A 57 3.78 -6.87 -4.57
N GLU A 58 4.87 -6.40 -5.19
CA GLU A 58 6.15 -7.12 -5.11
C GLU A 58 6.52 -7.39 -3.64
N TYR A 59 6.18 -6.45 -2.76
CA TYR A 59 6.46 -6.59 -1.33
C TYR A 59 5.66 -7.76 -0.74
N ILE A 60 4.49 -8.03 -1.32
CA ILE A 60 3.65 -9.14 -0.84
C ILE A 60 4.19 -10.46 -1.41
N MET A 1 -12.00 -10.91 2.36
CA MET A 1 -12.02 -11.12 3.84
C MET A 1 -10.59 -11.30 4.33
N LYS A 2 -9.79 -11.96 3.50
CA LYS A 2 -8.39 -12.22 3.85
C LYS A 2 -7.62 -10.90 3.95
N THR A 3 -6.63 -10.88 4.82
CA THR A 3 -5.79 -9.68 5.02
C THR A 3 -4.34 -9.98 4.66
N GLY A 4 -3.67 -8.98 4.10
CA GLY A 4 -2.25 -9.10 3.70
C GLY A 4 -1.35 -8.53 4.78
N ILE A 5 -0.11 -9.02 4.82
CA ILE A 5 0.87 -8.54 5.82
C ILE A 5 1.90 -7.65 5.13
N VAL A 6 2.06 -6.44 5.66
CA VAL A 6 3.02 -5.49 5.11
C VAL A 6 4.44 -5.91 5.50
N ASN A 7 5.33 -5.91 4.53
CA ASN A 7 6.73 -6.27 4.78
C ASN A 7 7.36 -5.29 5.78
N VAL A 8 7.62 -5.78 6.99
CA VAL A 8 8.22 -4.95 8.04
C VAL A 8 9.54 -4.36 7.55
N SER A 9 10.10 -4.96 6.51
CA SER A 9 11.36 -4.51 5.96
C SER A 9 11.31 -3.02 5.65
N SER A 10 11.98 -2.22 6.48
CA SER A 10 12.02 -0.76 6.30
C SER A 10 10.58 -0.18 6.38
N SER A 11 10.18 0.52 5.32
CA SER A 11 8.84 1.12 5.27
C SER A 11 8.38 1.23 3.83
N LEU A 12 7.06 1.29 3.65
CA LEU A 12 6.45 1.39 2.31
C LEU A 12 5.97 2.81 2.06
N ASN A 13 6.25 3.30 0.85
CA ASN A 13 5.86 4.66 0.45
C ASN A 13 4.49 4.60 -0.24
N VAL A 14 3.63 5.53 0.15
CA VAL A 14 2.28 5.59 -0.43
C VAL A 14 2.27 6.55 -1.61
N ARG A 15 2.23 5.99 -2.82
CA ARG A 15 2.20 6.80 -4.03
C ARG A 15 0.78 7.29 -4.30
N SER A 16 0.68 8.47 -4.90
CA SER A 16 -0.62 9.06 -5.22
C SER A 16 -1.26 8.32 -6.39
N SER A 17 -0.44 7.61 -7.15
CA SER A 17 -0.92 6.85 -8.32
C SER A 17 0.10 5.79 -8.75
N ALA A 18 -0.30 4.96 -9.70
CA ALA A 18 0.58 3.89 -10.20
C ALA A 18 1.72 4.49 -11.05
N SER A 19 2.49 5.38 -10.45
CA SER A 19 3.62 6.05 -11.13
C SER A 19 4.78 6.26 -10.16
N THR A 20 5.98 5.86 -10.58
CA THR A 20 7.17 6.02 -9.74
C THR A 20 7.49 7.50 -9.55
N SER A 21 7.07 8.33 -10.50
CA SER A 21 7.30 9.77 -10.42
C SER A 21 6.42 10.39 -9.35
N SER A 22 5.51 9.60 -8.78
CA SER A 22 4.61 10.08 -7.73
C SER A 22 5.41 10.41 -6.46
N LYS A 23 5.16 11.58 -5.90
CA LYS A 23 5.84 12.02 -4.69
C LYS A 23 5.33 11.22 -3.50
N VAL A 24 6.03 11.37 -2.37
CA VAL A 24 5.65 10.67 -1.14
C VAL A 24 4.68 11.55 -0.32
N ILE A 25 3.44 11.08 -0.22
CA ILE A 25 2.41 11.79 0.52
C ILE A 25 2.50 11.42 2.01
N GLY A 26 2.99 10.22 2.28
CA GLY A 26 3.11 9.73 3.65
C GLY A 26 3.54 8.28 3.69
N SER A 27 3.52 7.69 4.89
CA SER A 27 3.90 6.29 5.06
C SER A 27 3.17 5.68 6.26
N LEU A 28 2.84 4.40 6.13
CA LEU A 28 2.11 3.67 7.21
C LEU A 28 3.10 2.79 7.97
N SER A 29 2.57 2.08 8.95
CA SER A 29 3.39 1.18 9.78
C SER A 29 3.41 -0.22 9.18
N GLY A 30 4.56 -0.89 9.31
CA GLY A 30 4.72 -2.25 8.78
C GLY A 30 4.00 -3.24 9.69
N ASN A 31 3.67 -4.40 9.12
CA ASN A 31 2.98 -5.46 9.89
C ASN A 31 1.53 -5.03 10.19
N THR A 32 1.02 -4.08 9.43
CA THR A 32 -0.36 -3.58 9.62
C THR A 32 -1.36 -4.41 8.80
N LYS A 33 -2.48 -4.74 9.42
CA LYS A 33 -3.52 -5.53 8.76
C LYS A 33 -4.46 -4.61 7.99
N VAL A 34 -4.93 -5.11 6.85
CA VAL A 34 -5.83 -4.35 6.00
C VAL A 34 -6.68 -5.31 5.17
N THR A 35 -7.96 -4.98 5.05
CA THR A 35 -8.88 -5.80 4.27
C THR A 35 -8.77 -5.43 2.80
N ILE A 36 -7.78 -6.03 2.13
CA ILE A 36 -7.57 -5.77 0.68
C ILE A 36 -8.91 -5.74 -0.06
N VAL A 37 -8.91 -5.12 -1.24
CA VAL A 37 -10.13 -5.02 -2.05
C VAL A 37 -9.88 -5.62 -3.44
N GLY A 38 -9.47 -4.77 -4.38
CA GLY A 38 -9.21 -5.18 -5.76
C GLY A 38 -7.74 -5.02 -6.10
N GLU A 39 -7.48 -4.95 -7.40
CA GLU A 39 -6.10 -4.80 -7.90
C GLU A 39 -6.08 -3.90 -9.14
N GLU A 40 -4.98 -3.16 -9.30
CA GLU A 40 -4.85 -2.26 -10.46
C GLU A 40 -3.36 -2.04 -10.77
N GLY A 41 -2.96 -2.31 -12.00
CA GLY A 41 -1.57 -2.13 -12.40
C GLY A 41 -0.60 -2.85 -11.44
N ALA A 42 0.59 -2.30 -11.29
CA ALA A 42 1.60 -2.89 -10.39
C ALA A 42 1.38 -2.38 -8.96
N PHE A 43 0.14 -2.09 -8.61
CA PHE A 43 -0.20 -1.60 -7.26
C PHE A 43 -1.57 -2.11 -6.83
N TYR A 44 -1.74 -2.21 -5.52
CA TYR A 44 -3.01 -2.69 -4.91
C TYR A 44 -3.73 -1.52 -4.21
N LYS A 45 -5.05 -1.62 -4.21
CA LYS A 45 -5.89 -0.60 -3.59
C LYS A 45 -6.09 -0.92 -2.13
N ILE A 46 -6.07 0.13 -1.32
CA ILE A 46 -6.23 -0.02 0.11
C ILE A 46 -6.90 1.22 0.69
N GLU A 47 -7.23 1.15 1.98
CA GLU A 47 -7.85 2.28 2.65
C GLU A 47 -7.41 2.33 4.11
N TYR A 48 -6.56 3.32 4.43
CA TYR A 48 -6.05 3.49 5.79
C TYR A 48 -6.03 4.97 6.15
N LYS A 49 -5.94 5.25 7.45
CA LYS A 49 -5.90 6.61 7.95
C LYS A 49 -7.18 7.39 7.53
N GLY A 50 -8.20 6.65 7.12
CA GLY A 50 -9.46 7.27 6.68
C GLY A 50 -9.32 7.83 5.25
N SER A 51 -8.12 7.70 4.71
CA SER A 51 -7.76 8.18 3.34
C SER A 51 -7.42 7.01 2.43
N HIS A 52 -7.16 7.32 1.17
CA HIS A 52 -6.82 6.29 0.16
C HIS A 52 -5.33 6.33 -0.16
N GLY A 53 -4.73 5.16 -0.33
CA GLY A 53 -3.31 5.05 -0.63
C GLY A 53 -3.05 3.87 -1.55
N TYR A 54 -1.85 3.84 -2.13
CA TYR A 54 -1.45 2.75 -3.04
C TYR A 54 -0.09 2.20 -2.64
N VAL A 55 0.08 0.90 -2.82
CA VAL A 55 1.34 0.23 -2.47
C VAL A 55 1.60 -0.90 -3.46
N ALA A 56 2.90 -1.15 -3.68
CA ALA A 56 3.31 -2.22 -4.57
C ALA A 56 2.78 -3.57 -4.08
N LYS A 57 2.61 -4.49 -5.01
CA LYS A 57 2.12 -5.86 -4.69
C LYS A 57 3.27 -6.88 -4.71
N GLU A 58 4.25 -6.63 -5.57
CA GLU A 58 5.40 -7.54 -5.71
C GLU A 58 6.21 -7.58 -4.42
N TYR A 59 6.23 -6.45 -3.71
CA TYR A 59 6.99 -6.36 -2.45
C TYR A 59 6.41 -7.35 -1.40
N ILE A 60 5.33 -8.03 -1.77
CA ILE A 60 4.68 -8.99 -0.86
C ILE A 60 5.50 -10.29 -0.88
N MET A 1 -8.62 -11.84 -1.11
CA MET A 1 -8.21 -12.28 0.25
C MET A 1 -8.72 -11.27 1.29
N LYS A 2 -8.74 -11.68 2.55
CA LYS A 2 -9.22 -10.81 3.65
C LYS A 2 -8.32 -9.58 3.79
N THR A 3 -7.18 -9.79 4.45
CA THR A 3 -6.20 -8.70 4.69
C THR A 3 -4.77 -9.20 4.47
N GLY A 4 -3.90 -8.30 4.06
CA GLY A 4 -2.48 -8.63 3.81
C GLY A 4 -1.62 -8.29 5.02
N ILE A 5 -0.63 -9.12 5.30
CA ILE A 5 0.28 -8.93 6.45
C ILE A 5 1.69 -8.53 5.94
N VAL A 6 2.32 -7.62 6.68
CA VAL A 6 3.69 -7.16 6.35
C VAL A 6 4.66 -7.52 7.48
N ASN A 7 5.66 -8.37 7.24
CA ASN A 7 6.65 -8.70 8.26
C ASN A 7 7.72 -7.61 8.30
N VAL A 8 8.25 -7.36 9.49
CA VAL A 8 9.31 -6.34 9.68
C VAL A 8 10.46 -6.54 8.68
N SER A 9 10.98 -5.45 8.12
CA SER A 9 12.07 -5.52 7.14
C SER A 9 12.67 -4.13 6.89
N SER A 10 11.98 -3.33 6.07
CA SER A 10 12.44 -1.97 5.70
C SER A 10 11.30 -0.96 5.87
N SER A 11 11.10 -0.09 4.88
CA SER A 11 10.05 0.93 4.92
C SER A 11 9.37 1.05 3.56
N LEU A 12 8.11 1.50 3.58
CA LEU A 12 7.34 1.65 2.31
C LEU A 12 6.49 2.95 2.38
N ASN A 13 6.63 3.78 1.35
CA ASN A 13 5.90 5.06 1.27
C ASN A 13 4.59 4.87 0.49
N VAL A 14 3.54 5.57 0.90
CA VAL A 14 2.23 5.49 0.24
C VAL A 14 2.09 6.67 -0.73
N ARG A 15 1.73 6.34 -1.97
CA ARG A 15 1.57 7.36 -3.03
C ARG A 15 0.09 7.68 -3.20
N SER A 16 -0.23 8.39 -4.29
CA SER A 16 -1.60 8.81 -4.61
C SER A 16 -1.96 8.45 -6.05
N SER A 17 -1.42 7.36 -6.56
CA SER A 17 -1.69 6.92 -7.96
C SER A 17 -0.84 5.68 -8.30
N ALA A 18 -0.97 5.23 -9.56
CA ALA A 18 -0.22 4.05 -10.05
C ALA A 18 1.02 4.51 -10.81
N SER A 19 1.71 5.49 -10.23
CA SER A 19 2.95 6.06 -10.83
C SER A 19 4.08 6.13 -9.80
N THR A 20 5.29 5.76 -10.22
CA THR A 20 6.47 5.78 -9.33
C THR A 20 6.95 7.23 -9.10
N SER A 21 6.36 8.16 -9.84
CA SER A 21 6.74 9.60 -9.75
C SER A 21 5.74 10.37 -8.88
N SER A 22 4.67 9.69 -8.48
CA SER A 22 3.63 10.33 -7.65
C SER A 22 4.19 10.69 -6.25
N LYS A 23 3.90 11.90 -5.80
CA LYS A 23 4.36 12.38 -4.49
C LYS A 23 3.83 11.49 -3.36
N VAL A 24 4.53 11.48 -2.23
CA VAL A 24 4.13 10.66 -1.06
C VAL A 24 3.08 11.39 -0.22
N ILE A 25 2.15 10.63 0.34
CA ILE A 25 1.07 11.19 1.20
C ILE A 25 1.11 10.54 2.59
N GLY A 26 1.91 9.50 2.75
CA GLY A 26 2.03 8.79 4.03
C GLY A 26 3.00 7.62 3.93
N SER A 27 3.04 6.82 4.99
CA SER A 27 3.93 5.65 5.03
C SER A 27 3.42 4.62 6.04
N LEU A 28 3.71 3.35 5.79
CA LEU A 28 3.29 2.22 6.67
C LEU A 28 4.51 1.51 7.25
N SER A 29 4.26 0.67 8.24
CA SER A 29 5.34 -0.10 8.92
C SER A 29 5.20 -1.58 8.63
N GLY A 30 6.28 -2.33 8.82
CA GLY A 30 6.28 -3.78 8.59
C GLY A 30 5.74 -4.52 9.80
N ASN A 31 4.43 -4.49 9.96
CA ASN A 31 3.72 -5.15 11.10
C ASN A 31 2.27 -4.61 11.22
N THR A 32 1.75 -3.95 10.18
CA THR A 32 0.39 -3.37 10.19
C THR A 32 -0.53 -4.14 9.22
N LYS A 33 -1.81 -4.22 9.57
CA LYS A 33 -2.83 -4.90 8.74
C LYS A 33 -3.45 -3.92 7.75
N VAL A 34 -3.85 -4.41 6.58
CA VAL A 34 -4.48 -3.56 5.53
C VAL A 34 -5.58 -4.34 4.80
N THR A 35 -6.79 -3.77 4.77
CA THR A 35 -7.94 -4.39 4.10
C THR A 35 -7.91 -4.10 2.59
N ILE A 36 -7.18 -4.94 1.86
CA ILE A 36 -7.06 -4.79 0.41
C ILE A 36 -8.46 -4.67 -0.23
N VAL A 37 -8.51 -4.09 -1.42
CA VAL A 37 -9.78 -3.88 -2.14
C VAL A 37 -9.67 -4.44 -3.56
N GLY A 38 -9.40 -3.60 -4.54
CA GLY A 38 -9.28 -4.01 -5.94
C GLY A 38 -7.82 -4.17 -6.34
N GLU A 39 -7.60 -4.52 -7.61
CA GLU A 39 -6.22 -4.71 -8.14
C GLU A 39 -6.10 -4.04 -9.51
N GLU A 40 -4.93 -3.43 -9.76
CA GLU A 40 -4.68 -2.75 -11.03
C GLU A 40 -3.16 -2.70 -11.29
N GLY A 41 -2.78 -3.00 -12.53
CA GLY A 41 -1.36 -2.98 -12.91
C GLY A 41 -0.47 -3.74 -11.90
N ALA A 42 0.38 -3.00 -11.19
CA ALA A 42 1.29 -3.58 -10.17
C ALA A 42 1.05 -2.90 -8.82
N PHE A 43 -0.15 -2.35 -8.62
CA PHE A 43 -0.49 -1.66 -7.37
C PHE A 43 -1.97 -1.88 -7.02
N TYR A 44 -2.29 -1.76 -5.74
CA TYR A 44 -3.68 -1.95 -5.24
C TYR A 44 -4.08 -0.79 -4.32
N LYS A 45 -5.38 -0.65 -4.11
CA LYS A 45 -5.92 0.43 -3.26
C LYS A 45 -5.98 -0.02 -1.79
N ILE A 46 -6.05 0.94 -0.89
CA ILE A 46 -6.11 0.66 0.57
C ILE A 46 -6.99 1.68 1.29
N GLU A 47 -7.56 1.26 2.41
CA GLU A 47 -8.44 2.14 3.22
C GLU A 47 -7.63 2.78 4.36
N TYR A 48 -6.58 3.52 3.98
CA TYR A 48 -5.73 4.20 4.97
C TYR A 48 -6.42 5.49 5.45
N LYS A 49 -6.71 5.53 6.75
CA LYS A 49 -7.38 6.72 7.34
C LYS A 49 -8.58 7.20 6.47
N GLY A 50 -9.23 6.23 5.83
CA GLY A 50 -10.39 6.56 4.96
C GLY A 50 -9.95 7.33 3.70
N SER A 51 -8.67 7.20 3.37
CA SER A 51 -8.06 7.87 2.19
C SER A 51 -7.59 6.86 1.15
N HIS A 52 -7.19 7.36 -0.02
CA HIS A 52 -6.72 6.49 -1.13
C HIS A 52 -5.18 6.42 -1.11
N GLY A 53 -4.65 5.21 -1.31
CA GLY A 53 -3.19 5.00 -1.33
C GLY A 53 -2.82 3.86 -2.27
N TYR A 54 -1.54 3.80 -2.64
CA TYR A 54 -1.02 2.76 -3.56
C TYR A 54 0.28 2.15 -3.02
N VAL A 55 0.39 0.83 -3.13
CA VAL A 55 1.59 0.10 -2.64
C VAL A 55 1.91 -1.07 -3.59
N ALA A 56 3.20 -1.42 -3.66
CA ALA A 56 3.64 -2.53 -4.52
C ALA A 56 3.36 -3.89 -3.85
N LYS A 57 2.45 -4.66 -4.43
CA LYS A 57 2.10 -5.99 -3.88
C LYS A 57 3.23 -7.00 -4.14
N GLU A 58 3.96 -6.79 -5.23
CA GLU A 58 5.05 -7.70 -5.59
C GLU A 58 6.05 -7.87 -4.43
N TYR A 59 6.43 -6.74 -3.81
CA TYR A 59 7.35 -6.78 -2.67
C TYR A 59 6.73 -7.56 -1.50
N ILE A 60 5.42 -7.45 -1.33
CA ILE A 60 4.70 -8.13 -0.23
C ILE A 60 4.43 -9.59 -0.65
N MET A 1 -12.77 -13.43 2.35
CA MET A 1 -11.77 -12.37 2.04
C MET A 1 -10.49 -12.67 2.82
N LYS A 2 -9.38 -12.11 2.34
CA LYS A 2 -8.07 -12.31 2.99
C LYS A 2 -7.33 -10.97 3.10
N THR A 3 -6.45 -10.88 4.10
CA THR A 3 -5.65 -9.66 4.35
C THR A 3 -4.17 -9.98 4.33
N GLY A 4 -3.38 -9.04 3.82
CA GLY A 4 -1.93 -9.18 3.73
C GLY A 4 -1.25 -8.53 4.93
N ILE A 5 -0.08 -9.05 5.29
CA ILE A 5 0.69 -8.52 6.45
C ILE A 5 1.86 -7.66 5.94
N VAL A 6 1.91 -6.43 6.41
CA VAL A 6 2.98 -5.51 6.00
C VAL A 6 4.34 -6.01 6.54
N ASN A 7 5.27 -6.28 5.64
CA ASN A 7 6.59 -6.75 6.03
C ASN A 7 7.28 -5.72 6.93
N VAL A 8 7.29 -5.99 8.23
CA VAL A 8 7.92 -5.10 9.22
C VAL A 8 9.43 -5.00 8.98
N SER A 9 9.90 -5.77 8.01
CA SER A 9 11.35 -5.78 7.68
C SER A 9 11.92 -4.35 7.60
N SER A 10 11.31 -3.53 6.74
CA SER A 10 11.74 -2.12 6.57
C SER A 10 10.53 -1.25 6.20
N SER A 11 10.80 0.04 6.03
CA SER A 11 9.74 1.00 5.67
C SER A 11 9.54 1.01 4.16
N LEU A 12 8.28 1.09 3.74
CA LEU A 12 7.91 1.12 2.30
C LEU A 12 7.36 2.48 1.93
N ASN A 13 7.75 2.93 0.73
CA ASN A 13 7.30 4.21 0.22
C ASN A 13 5.91 4.06 -0.40
N VAL A 14 5.00 4.91 0.06
CA VAL A 14 3.61 4.89 -0.45
C VAL A 14 3.38 6.04 -1.46
N ARG A 15 2.90 5.71 -2.65
CA ARG A 15 2.64 6.75 -3.68
C ARG A 15 1.18 7.23 -3.59
N SER A 16 0.82 8.16 -4.46
CA SER A 16 -0.56 8.73 -4.50
C SER A 16 -1.42 7.95 -5.49
N SER A 17 -0.78 7.28 -6.44
CA SER A 17 -1.50 6.51 -7.46
C SER A 17 -0.50 5.80 -8.37
N ALA A 18 -1.05 5.10 -9.36
CA ALA A 18 -0.22 4.36 -10.32
C ALA A 18 0.27 5.32 -11.41
N SER A 19 1.34 6.04 -11.12
CA SER A 19 1.92 6.99 -12.07
C SER A 19 3.31 7.44 -11.61
N THR A 20 4.13 7.85 -12.57
CA THR A 20 5.49 8.32 -12.28
C THR A 20 5.45 9.72 -11.67
N SER A 21 4.39 10.47 -11.97
CA SER A 21 4.28 11.84 -11.45
C SER A 21 4.21 11.85 -9.93
N SER A 22 3.79 10.72 -9.37
CA SER A 22 3.70 10.56 -7.90
C SER A 22 4.96 9.85 -7.38
N LYS A 23 5.44 10.28 -6.22
CA LYS A 23 6.64 9.67 -5.63
C LYS A 23 6.75 10.05 -4.14
N VAL A 24 6.52 9.05 -3.29
CA VAL A 24 6.57 9.22 -1.83
C VAL A 24 5.48 10.22 -1.39
N ILE A 25 4.79 9.88 -0.31
CA ILE A 25 3.71 10.73 0.22
C ILE A 25 3.55 10.51 1.72
N GLY A 26 4.10 9.40 2.22
CA GLY A 26 3.99 9.05 3.62
C GLY A 26 4.33 7.57 3.82
N SER A 27 4.00 7.07 5.01
CA SER A 27 4.26 5.66 5.35
C SER A 27 3.15 5.11 6.25
N LEU A 28 2.75 3.86 6.02
CA LEU A 28 1.68 3.22 6.82
C LEU A 28 2.32 2.25 7.84
N SER A 29 2.03 2.49 9.12
CA SER A 29 2.59 1.68 10.22
C SER A 29 2.51 0.18 9.89
N GLY A 30 3.63 -0.52 10.08
CA GLY A 30 3.70 -1.94 9.79
C GLY A 30 2.85 -2.76 10.75
N ASN A 31 2.62 -4.02 10.41
CA ASN A 31 1.81 -4.94 11.23
C ASN A 31 0.37 -4.46 11.30
N THR A 32 -0.02 -3.63 10.33
CA THR A 32 -1.40 -3.09 10.27
C THR A 32 -2.23 -3.92 9.29
N LYS A 33 -3.51 -4.08 9.59
CA LYS A 33 -4.43 -4.84 8.73
C LYS A 33 -5.01 -3.94 7.64
N VAL A 34 -5.10 -4.48 6.43
CA VAL A 34 -5.63 -3.74 5.27
C VAL A 34 -6.48 -4.67 4.38
N THR A 35 -7.73 -4.28 4.13
CA THR A 35 -8.64 -5.06 3.29
C THR A 35 -8.50 -4.62 1.83
N ILE A 36 -7.61 -5.29 1.11
CA ILE A 36 -7.38 -4.95 -0.33
C ILE A 36 -8.70 -4.57 -1.04
N VAL A 37 -8.64 -3.67 -2.01
CA VAL A 37 -9.85 -3.20 -2.74
C VAL A 37 -9.53 -3.00 -4.23
N GLY A 38 -9.14 -4.09 -4.89
CA GLY A 38 -8.81 -4.07 -6.32
C GLY A 38 -7.30 -4.20 -6.54
N GLU A 39 -6.93 -4.59 -7.75
CA GLU A 39 -5.50 -4.76 -8.10
C GLU A 39 -5.21 -4.14 -9.48
N GLU A 40 -4.05 -3.50 -9.59
CA GLU A 40 -3.65 -2.84 -10.85
C GLU A 40 -2.12 -2.86 -11.00
N GLY A 41 -1.65 -3.46 -12.09
CA GLY A 41 -0.21 -3.55 -12.36
C GLY A 41 0.55 -4.09 -11.13
N ALA A 42 1.39 -3.25 -10.54
CA ALA A 42 2.20 -3.63 -9.34
C ALA A 42 1.75 -2.82 -8.13
N PHE A 43 0.50 -2.38 -8.12
CA PHE A 43 -0.06 -1.59 -7.00
C PHE A 43 -1.54 -1.90 -6.80
N TYR A 44 -2.02 -1.66 -5.59
CA TYR A 44 -3.43 -1.91 -5.22
C TYR A 44 -3.94 -0.79 -4.32
N LYS A 45 -5.23 -0.83 -4.05
CA LYS A 45 -5.90 0.19 -3.20
C LYS A 45 -6.13 -0.36 -1.79
N ILE A 46 -6.15 0.55 -0.82
CA ILE A 46 -6.36 0.18 0.59
C ILE A 46 -7.28 1.19 1.28
N GLU A 47 -7.98 0.73 2.31
CA GLU A 47 -8.90 1.59 3.08
C GLU A 47 -8.38 1.77 4.50
N TYR A 48 -7.52 2.76 4.69
CA TYR A 48 -6.93 3.07 5.99
C TYR A 48 -6.85 4.58 6.22
N LYS A 49 -6.78 4.98 7.49
CA LYS A 49 -6.69 6.41 7.84
C LYS A 49 -7.80 7.20 7.13
N GLY A 50 -8.86 6.51 6.71
CA GLY A 50 -9.97 7.14 6.01
C GLY A 50 -9.56 7.56 4.60
N SER A 51 -8.29 7.35 4.28
CA SER A 51 -7.70 7.71 2.98
C SER A 51 -7.20 6.45 2.26
N HIS A 52 -6.77 6.64 1.03
CA HIS A 52 -6.25 5.53 0.19
C HIS A 52 -4.75 5.71 -0.05
N GLY A 53 -4.07 4.60 -0.28
CA GLY A 53 -2.62 4.59 -0.53
C GLY A 53 -2.25 3.51 -1.55
N TYR A 54 -1.03 3.62 -2.07
CA TYR A 54 -0.52 2.65 -3.07
C TYR A 54 0.87 2.15 -2.66
N VAL A 55 1.10 0.85 -2.85
CA VAL A 55 2.41 0.26 -2.50
C VAL A 55 2.62 -1.04 -3.27
N ALA A 56 3.87 -1.46 -3.40
CA ALA A 56 4.21 -2.70 -4.10
C ALA A 56 3.52 -3.90 -3.42
N LYS A 57 2.92 -4.76 -4.24
CA LYS A 57 2.21 -5.95 -3.75
C LYS A 57 3.17 -7.15 -3.71
N GLU A 58 4.08 -7.21 -4.67
CA GLU A 58 5.04 -8.32 -4.75
C GLU A 58 5.85 -8.41 -3.46
N TYR A 59 6.02 -7.27 -2.79
CA TYR A 59 6.78 -7.21 -1.53
C TYR A 59 6.08 -8.06 -0.45
N ILE A 60 4.75 -8.01 -0.43
CA ILE A 60 3.96 -8.77 0.56
C ILE A 60 3.81 -10.21 0.09
N MET A 1 -11.82 -9.07 4.85
CA MET A 1 -11.29 -10.45 4.63
C MET A 1 -10.12 -10.39 3.65
N LYS A 2 -9.26 -11.41 3.70
CA LYS A 2 -8.08 -11.48 2.83
C LYS A 2 -7.26 -10.19 2.92
N THR A 3 -6.21 -10.22 3.73
CA THR A 3 -5.31 -9.06 3.94
C THR A 3 -3.86 -9.44 3.66
N GLY A 4 -3.04 -8.41 3.47
CA GLY A 4 -1.60 -8.59 3.18
C GLY A 4 -0.75 -7.88 4.22
N ILE A 5 0.47 -8.39 4.43
CA ILE A 5 1.42 -7.82 5.39
C ILE A 5 2.64 -7.24 4.65
N VAL A 6 3.11 -6.09 5.14
CA VAL A 6 4.27 -5.41 4.55
C VAL A 6 5.54 -5.89 5.24
N ASN A 7 6.55 -6.24 4.44
CA ASN A 7 7.82 -6.70 5.01
C ASN A 7 8.43 -5.60 5.90
N VAL A 8 8.53 -5.88 7.20
CA VAL A 8 9.09 -4.92 8.17
C VAL A 8 10.47 -4.46 7.72
N SER A 9 11.09 -5.23 6.83
CA SER A 9 12.41 -4.90 6.31
C SER A 9 12.46 -3.44 5.81
N SER A 10 13.18 -2.59 6.55
CA SER A 10 13.29 -1.17 6.19
C SER A 10 11.92 -0.49 6.23
N SER A 11 11.52 0.16 5.14
CA SER A 11 10.21 0.85 5.07
C SER A 11 9.72 0.90 3.63
N LEU A 12 8.41 1.08 3.47
CA LEU A 12 7.77 1.16 2.13
C LEU A 12 7.00 2.48 2.00
N ASN A 13 7.20 3.14 0.86
CA ASN A 13 6.53 4.42 0.58
C ASN A 13 5.14 4.16 -0.01
N VAL A 14 4.18 5.00 0.36
CA VAL A 14 2.79 4.86 -0.14
C VAL A 14 2.58 5.78 -1.35
N ARG A 15 2.30 5.19 -2.50
CA ARG A 15 2.07 5.95 -3.73
C ARG A 15 0.62 6.41 -3.80
N SER A 16 0.34 7.36 -4.70
CA SER A 16 -1.04 7.87 -4.86
C SER A 16 -1.75 7.15 -6.01
N SER A 17 -0.97 6.49 -6.87
CA SER A 17 -1.53 5.76 -8.02
C SER A 17 -0.61 4.61 -8.44
N ALA A 18 -0.84 4.08 -9.64
CA ALA A 18 -0.04 2.96 -10.17
C ALA A 18 1.24 3.50 -10.82
N SER A 19 1.92 4.39 -10.11
CA SER A 19 3.18 4.99 -10.61
C SER A 19 4.03 5.53 -9.45
N THR A 20 5.33 5.28 -9.51
CA THR A 20 6.27 5.73 -8.48
C THR A 20 6.43 7.24 -8.54
N SER A 21 6.33 7.80 -9.75
CA SER A 21 6.48 9.24 -9.96
C SER A 21 5.27 10.00 -9.40
N SER A 22 4.29 9.26 -8.87
CA SER A 22 3.08 9.86 -8.30
C SER A 22 3.37 10.44 -6.91
N LYS A 23 4.64 10.71 -6.66
CA LYS A 23 5.09 11.25 -5.35
C LYS A 23 4.48 10.46 -4.16
N VAL A 24 5.01 10.68 -2.95
CA VAL A 24 4.51 9.99 -1.75
C VAL A 24 3.38 10.82 -1.12
N ILE A 25 2.69 10.21 -0.17
CA ILE A 25 1.57 10.90 0.54
C ILE A 25 1.66 10.65 2.05
N GLY A 26 2.34 9.58 2.43
CA GLY A 26 2.49 9.23 3.84
C GLY A 26 3.13 7.86 3.99
N SER A 27 3.33 7.44 5.23
CA SER A 27 3.93 6.13 5.53
C SER A 27 3.10 5.40 6.59
N LEU A 28 2.83 4.13 6.34
CA LEU A 28 2.02 3.30 7.25
C LEU A 28 2.96 2.46 8.12
N SER A 29 2.38 1.75 9.09
CA SER A 29 3.16 0.92 10.00
C SER A 29 3.54 -0.39 9.32
N GLY A 30 4.78 -0.82 9.50
CA GLY A 30 5.26 -2.11 8.86
C GLY A 30 4.11 -2.98 8.31
N ASN A 31 3.79 -4.09 8.98
CA ASN A 31 2.69 -4.96 8.59
C ASN A 31 1.35 -4.35 9.02
N THR A 32 0.88 -3.38 8.24
CA THR A 32 -0.42 -2.70 8.55
C THR A 32 -1.58 -3.53 7.96
N LYS A 33 -2.71 -3.51 8.66
CA LYS A 33 -3.91 -4.24 8.21
C LYS A 33 -4.68 -3.40 7.17
N VAL A 34 -4.98 -4.00 6.04
CA VAL A 34 -5.74 -3.31 4.96
C VAL A 34 -6.68 -4.29 4.24
N THR A 35 -7.96 -3.94 4.16
CA THR A 35 -8.96 -4.77 3.48
C THR A 35 -8.89 -4.57 1.98
N ILE A 36 -7.98 -5.29 1.34
CA ILE A 36 -7.80 -5.20 -0.12
C ILE A 36 -9.16 -5.28 -0.84
N VAL A 37 -9.19 -4.87 -2.11
CA VAL A 37 -10.43 -4.88 -2.92
C VAL A 37 -10.20 -5.61 -4.24
N GLY A 38 -9.87 -4.86 -5.30
CA GLY A 38 -9.63 -5.43 -6.64
C GLY A 38 -8.13 -5.52 -6.92
N GLU A 39 -7.81 -5.79 -8.19
CA GLU A 39 -6.41 -5.91 -8.64
C GLU A 39 -6.16 -5.06 -9.89
N GLU A 40 -5.00 -4.42 -9.94
CA GLU A 40 -4.63 -3.56 -11.08
C GLU A 40 -3.10 -3.51 -11.23
N GLY A 41 -2.61 -4.06 -12.34
CA GLY A 41 -1.16 -4.06 -12.60
C GLY A 41 -0.36 -4.62 -11.39
N ALA A 42 0.47 -3.77 -10.80
CA ALA A 42 1.29 -4.16 -9.62
C ALA A 42 0.91 -3.32 -8.41
N PHE A 43 -0.32 -2.81 -8.38
CA PHE A 43 -0.81 -1.99 -7.26
C PHE A 43 -2.30 -2.23 -7.02
N TYR A 44 -2.75 -1.95 -5.80
CA TYR A 44 -4.17 -2.12 -5.41
C TYR A 44 -4.62 -0.98 -4.50
N LYS A 45 -5.90 -1.00 -4.15
CA LYS A 45 -6.50 0.04 -3.30
C LYS A 45 -6.56 -0.44 -1.85
N ILE A 46 -6.46 0.52 -0.91
CA ILE A 46 -6.50 0.21 0.52
C ILE A 46 -7.26 1.31 1.28
N GLU A 47 -7.71 0.97 2.48
CA GLU A 47 -8.47 1.89 3.35
C GLU A 47 -7.75 2.07 4.69
N TYR A 48 -6.89 3.08 4.77
CA TYR A 48 -6.12 3.35 6.00
C TYR A 48 -6.11 4.85 6.30
N LYS A 49 -5.99 5.19 7.58
CA LYS A 49 -5.98 6.61 8.01
C LYS A 49 -7.22 7.35 7.46
N GLY A 50 -8.23 6.59 7.04
CA GLY A 50 -9.46 7.17 6.49
C GLY A 50 -9.21 7.73 5.10
N SER A 51 -7.96 7.66 4.66
CA SER A 51 -7.53 8.16 3.33
C SER A 51 -7.23 7.00 2.39
N HIS A 52 -6.99 7.32 1.13
CA HIS A 52 -6.67 6.32 0.09
C HIS A 52 -5.19 6.37 -0.26
N GLY A 53 -4.60 5.20 -0.50
CA GLY A 53 -3.17 5.10 -0.85
C GLY A 53 -2.91 3.88 -1.73
N TYR A 54 -1.70 3.81 -2.28
CA TYR A 54 -1.29 2.68 -3.15
C TYR A 54 0.09 2.17 -2.74
N VAL A 55 0.27 0.86 -2.89
CA VAL A 55 1.56 0.20 -2.53
C VAL A 55 1.83 -0.97 -3.49
N ALA A 56 3.10 -1.21 -3.74
CA ALA A 56 3.53 -2.30 -4.64
C ALA A 56 3.19 -3.66 -4.02
N LYS A 57 2.87 -4.63 -4.87
CA LYS A 57 2.51 -5.99 -4.42
C LYS A 57 3.78 -6.81 -4.16
N GLU A 58 4.88 -6.44 -4.84
CA GLU A 58 6.16 -7.16 -4.68
C GLU A 58 6.60 -7.16 -3.20
N TYR A 59 6.29 -6.08 -2.50
CA TYR A 59 6.66 -5.95 -1.07
C TYR A 59 5.67 -6.76 -0.21
N ILE A 60 4.64 -7.31 -0.83
CA ILE A 60 3.61 -8.12 -0.12
C ILE A 60 3.82 -9.61 -0.44
N MET A 1 -7.74 -14.24 4.21
CA MET A 1 -7.75 -14.54 2.75
C MET A 1 -7.48 -13.23 1.96
N LYS A 2 -8.45 -12.33 2.01
CA LYS A 2 -8.35 -11.03 1.31
C LYS A 2 -7.44 -10.07 2.08
N THR A 3 -6.52 -10.64 2.84
CA THR A 3 -5.58 -9.85 3.66
C THR A 3 -4.16 -10.36 3.44
N GLY A 4 -3.20 -9.46 3.67
CA GLY A 4 -1.79 -9.78 3.50
C GLY A 4 -0.96 -9.08 4.56
N ILE A 5 0.25 -9.59 4.76
CA ILE A 5 1.18 -9.03 5.76
C ILE A 5 2.33 -8.33 5.06
N VAL A 6 2.68 -7.15 5.55
CA VAL A 6 3.78 -6.37 4.99
C VAL A 6 5.11 -6.87 5.55
N ASN A 7 6.06 -7.11 4.65
CA ASN A 7 7.38 -7.60 5.07
C ASN A 7 8.06 -6.59 6.00
N VAL A 8 8.16 -6.95 7.28
CA VAL A 8 8.78 -6.08 8.27
C VAL A 8 10.27 -5.89 7.96
N SER A 9 10.73 -4.63 8.00
CA SER A 9 12.13 -4.34 7.73
C SER A 9 12.43 -2.88 8.07
N SER A 10 11.67 -1.97 7.47
CA SER A 10 11.86 -0.52 7.70
C SER A 10 10.52 0.23 7.57
N SER A 11 10.40 1.03 6.52
CA SER A 11 9.19 1.83 6.27
C SER A 11 8.78 1.73 4.81
N LEU A 12 7.47 1.69 4.59
CA LEU A 12 6.91 1.60 3.23
C LEU A 12 6.41 2.98 2.78
N ASN A 13 6.64 3.26 1.50
CA ASN A 13 6.24 4.53 0.88
C ASN A 13 4.86 4.38 0.26
N VAL A 14 3.94 5.24 0.69
CA VAL A 14 2.57 5.19 0.16
C VAL A 14 2.43 6.21 -0.95
N ARG A 15 2.20 5.74 -2.16
CA ARG A 15 2.02 6.61 -3.31
C ARG A 15 0.55 7.01 -3.43
N SER A 16 0.29 7.92 -4.37
CA SER A 16 -1.08 8.43 -4.60
C SER A 16 -1.71 7.69 -5.78
N SER A 17 -0.88 7.06 -6.61
CA SER A 17 -1.36 6.31 -7.78
C SER A 17 -0.43 5.13 -8.10
N ALA A 18 -0.56 4.61 -9.31
CA ALA A 18 0.26 3.46 -9.77
C ALA A 18 1.38 3.96 -10.69
N SER A 19 2.16 4.92 -10.20
CA SER A 19 3.28 5.50 -10.95
C SER A 19 4.50 5.71 -10.04
N THR A 20 5.68 5.37 -10.55
CA THR A 20 6.92 5.52 -9.80
C THR A 20 7.24 7.00 -9.59
N SER A 21 6.76 7.83 -10.50
CA SER A 21 7.00 9.28 -10.42
C SER A 21 6.08 9.90 -9.38
N SER A 22 5.15 9.12 -8.86
CA SER A 22 4.21 9.61 -7.85
C SER A 22 4.95 9.98 -6.56
N LYS A 23 4.77 11.21 -6.11
CA LYS A 23 5.44 11.68 -4.89
C LYS A 23 4.86 10.97 -3.67
N VAL A 24 5.56 11.09 -2.55
CA VAL A 24 5.13 10.45 -1.30
C VAL A 24 3.96 11.24 -0.68
N ILE A 25 2.80 10.60 -0.63
CA ILE A 25 1.60 11.20 -0.07
C ILE A 25 1.42 10.76 1.38
N GLY A 26 2.10 9.68 1.75
CA GLY A 26 2.00 9.16 3.12
C GLY A 26 3.10 8.15 3.39
N SER A 27 2.90 7.35 4.43
CA SER A 27 3.88 6.32 4.80
C SER A 27 3.21 5.24 5.64
N LEU A 28 3.46 3.98 5.28
CA LEU A 28 2.90 2.84 6.00
C LEU A 28 4.00 2.11 6.76
N SER A 29 3.62 1.50 7.89
CA SER A 29 4.56 0.76 8.72
C SER A 29 4.57 -0.71 8.31
N GLY A 30 5.63 -1.40 8.67
CA GLY A 30 5.77 -2.82 8.35
C GLY A 30 4.94 -3.67 9.31
N ASN A 31 4.51 -4.84 8.83
CA ASN A 31 3.70 -5.76 9.64
C ASN A 31 2.30 -5.19 9.88
N THR A 32 1.92 -4.23 9.03
CA THR A 32 0.59 -3.59 9.15
C THR A 32 -0.43 -4.38 8.34
N LYS A 33 -1.63 -4.53 8.91
CA LYS A 33 -2.71 -5.25 8.23
C LYS A 33 -3.48 -4.30 7.30
N VAL A 34 -3.82 -4.81 6.12
CA VAL A 34 -4.57 -4.02 5.12
C VAL A 34 -5.59 -4.93 4.38
N THR A 35 -6.85 -4.53 4.40
CA THR A 35 -7.91 -5.28 3.74
C THR A 35 -7.91 -4.97 2.25
N ILE A 36 -7.10 -5.71 1.50
CA ILE A 36 -7.00 -5.53 0.05
C ILE A 36 -8.40 -5.63 -0.58
N VAL A 37 -8.48 -5.26 -1.86
CA VAL A 37 -9.75 -5.29 -2.60
C VAL A 37 -9.55 -5.98 -3.96
N GLY A 38 -9.32 -5.18 -5.00
CA GLY A 38 -9.12 -5.68 -6.36
C GLY A 38 -7.64 -5.74 -6.69
N GLU A 39 -7.36 -5.98 -7.97
CA GLU A 39 -5.97 -6.07 -8.47
C GLU A 39 -5.80 -5.17 -9.69
N GLU A 40 -4.72 -4.40 -9.68
CA GLU A 40 -4.42 -3.49 -10.80
C GLU A 40 -2.92 -3.30 -10.93
N GLY A 41 -2.37 -3.65 -12.09
CA GLY A 41 -0.93 -3.50 -12.33
C GLY A 41 -0.10 -4.05 -11.15
N ALA A 42 0.73 -3.19 -10.58
CA ALA A 42 1.58 -3.54 -9.41
C ALA A 42 1.15 -2.74 -8.18
N PHE A 43 -0.09 -2.26 -8.16
CA PHE A 43 -0.62 -1.48 -7.01
C PHE A 43 -2.14 -1.69 -6.87
N TYR A 44 -2.63 -1.45 -5.66
CA TYR A 44 -4.06 -1.61 -5.34
C TYR A 44 -4.52 -0.48 -4.44
N LYS A 45 -5.83 -0.44 -4.20
CA LYS A 45 -6.44 0.60 -3.36
C LYS A 45 -6.65 0.06 -1.95
N ILE A 46 -6.72 0.99 -0.99
CA ILE A 46 -6.91 0.64 0.41
C ILE A 46 -7.73 1.73 1.11
N GLU A 47 -8.29 1.35 2.26
CA GLU A 47 -9.11 2.28 3.06
C GLU A 47 -8.51 2.43 4.46
N TYR A 48 -7.59 3.38 4.58
CA TYR A 48 -6.92 3.64 5.86
C TYR A 48 -6.78 5.15 6.07
N LYS A 49 -6.60 5.55 7.33
CA LYS A 49 -6.45 6.96 7.69
C LYS A 49 -7.60 7.79 7.11
N GLY A 50 -8.69 7.12 6.76
CA GLY A 50 -9.86 7.79 6.18
C GLY A 50 -9.53 8.34 4.79
N SER A 51 -8.28 8.16 4.37
CA SER A 51 -7.80 8.63 3.05
C SER A 51 -7.39 7.45 2.18
N HIS A 52 -7.09 7.74 0.93
CA HIS A 52 -6.68 6.71 -0.05
C HIS A 52 -5.17 6.73 -0.24
N GLY A 53 -4.61 5.55 -0.47
CA GLY A 53 -3.16 5.41 -0.67
C GLY A 53 -2.86 4.18 -1.54
N TYR A 54 -1.61 4.10 -1.99
CA TYR A 54 -1.16 2.95 -2.83
C TYR A 54 0.19 2.42 -2.34
N VAL A 55 0.41 1.13 -2.55
CA VAL A 55 1.67 0.49 -2.13
C VAL A 55 1.95 -0.74 -2.96
N ALA A 56 3.21 -1.12 -3.04
CA ALA A 56 3.62 -2.30 -3.80
C ALA A 56 2.99 -3.56 -3.17
N LYS A 57 2.37 -4.37 -4.02
CA LYS A 57 1.72 -5.62 -3.57
C LYS A 57 2.73 -6.78 -3.60
N GLU A 58 3.63 -6.75 -4.58
CA GLU A 58 4.65 -7.79 -4.73
C GLU A 58 5.49 -7.89 -3.46
N TYR A 59 5.64 -6.75 -2.79
CA TYR A 59 6.44 -6.69 -1.56
C TYR A 59 5.97 -7.75 -0.55
N ILE A 60 4.75 -8.23 -0.76
CA ILE A 60 4.17 -9.25 0.13
C ILE A 60 4.74 -10.62 -0.26
N MET A 1 -11.72 -10.46 6.71
CA MET A 1 -12.11 -10.70 5.29
C MET A 1 -10.98 -10.26 4.36
N LYS A 2 -10.27 -11.23 3.80
CA LYS A 2 -9.17 -10.92 2.88
C LYS A 2 -8.19 -9.92 3.51
N THR A 3 -7.17 -10.44 4.17
CA THR A 3 -6.17 -9.61 4.85
C THR A 3 -4.76 -10.07 4.48
N GLY A 4 -3.80 -9.16 4.64
CA GLY A 4 -2.40 -9.46 4.33
C GLY A 4 -1.48 -8.74 5.29
N ILE A 5 -0.23 -9.19 5.32
CA ILE A 5 0.79 -8.59 6.20
C ILE A 5 1.82 -7.81 5.38
N VAL A 6 2.06 -6.57 5.78
CA VAL A 6 3.03 -5.72 5.09
C VAL A 6 4.45 -6.20 5.40
N ASN A 7 5.26 -6.31 4.35
CA ASN A 7 6.66 -6.76 4.52
C ASN A 7 7.35 -5.95 5.64
N VAL A 8 7.38 -6.53 6.84
CA VAL A 8 7.99 -5.88 8.00
C VAL A 8 9.49 -5.68 7.77
N SER A 9 9.98 -6.23 6.66
CA SER A 9 11.40 -6.10 6.32
C SER A 9 11.84 -4.64 6.34
N SER A 10 11.07 -3.79 5.66
CA SER A 10 11.38 -2.35 5.62
C SER A 10 10.09 -1.54 5.47
N SER A 11 10.20 -0.23 5.63
CA SER A 11 9.04 0.66 5.52
C SER A 11 8.70 0.90 4.06
N LEU A 12 7.43 1.13 3.78
CA LEU A 12 6.93 1.37 2.39
C LEU A 12 6.29 2.76 2.30
N ASN A 13 6.47 3.38 1.13
CA ASN A 13 5.94 4.71 0.85
C ASN A 13 4.60 4.58 0.09
N VAL A 14 3.71 5.53 0.37
CA VAL A 14 2.39 5.52 -0.29
C VAL A 14 2.42 6.42 -1.53
N ARG A 15 2.45 5.79 -2.70
CA ARG A 15 2.49 6.52 -3.97
C ARG A 15 1.08 7.00 -4.33
N SER A 16 0.99 8.25 -4.75
CA SER A 16 -0.30 8.84 -5.13
C SER A 16 -0.90 8.10 -6.33
N SER A 17 -0.02 7.51 -7.14
CA SER A 17 -0.46 6.77 -8.33
C SER A 17 0.45 5.56 -8.59
N ALA A 18 0.19 4.86 -9.69
CA ALA A 18 0.99 3.67 -10.05
C ALA A 18 2.27 4.09 -10.76
N SER A 19 3.07 4.92 -10.09
CA SER A 19 4.33 5.41 -10.65
C SER A 19 5.30 5.85 -9.53
N THR A 20 6.56 5.49 -9.69
CA THR A 20 7.59 5.84 -8.70
C THR A 20 7.82 7.35 -8.68
N SER A 21 7.68 7.98 -9.85
CA SER A 21 7.88 9.43 -9.98
C SER A 21 6.76 10.18 -9.27
N SER A 22 5.78 9.44 -8.76
CA SER A 22 4.66 10.04 -8.04
C SER A 22 5.15 10.82 -6.81
N LYS A 23 4.22 11.27 -5.99
CA LYS A 23 4.56 12.04 -4.76
C LYS A 23 4.11 11.28 -3.52
N VAL A 24 4.87 11.46 -2.44
CA VAL A 24 4.56 10.80 -1.16
C VAL A 24 3.49 11.61 -0.43
N ILE A 25 2.33 10.98 -0.24
CA ILE A 25 1.20 11.62 0.46
C ILE A 25 1.19 11.20 1.91
N GLY A 26 1.90 10.12 2.22
CA GLY A 26 1.96 9.60 3.58
C GLY A 26 2.85 8.36 3.64
N SER A 27 3.22 7.98 4.86
CA SER A 27 4.06 6.77 5.08
C SER A 27 3.30 5.74 5.91
N LEU A 28 3.39 4.48 5.48
CA LEU A 28 2.69 3.39 6.19
C LEU A 28 3.68 2.65 7.08
N SER A 29 3.14 1.95 8.07
CA SER A 29 3.95 1.20 9.04
C SER A 29 3.95 -0.28 8.69
N GLY A 30 5.07 -0.94 8.94
CA GLY A 30 5.18 -2.37 8.65
C GLY A 30 4.40 -3.18 9.69
N ASN A 31 3.93 -4.35 9.27
CA ASN A 31 3.16 -5.25 10.16
C ASN A 31 1.74 -4.71 10.35
N THR A 32 1.34 -3.76 9.51
CA THR A 32 -0.01 -3.16 9.60
C THR A 32 -1.03 -4.04 8.86
N LYS A 33 -2.18 -4.22 9.49
CA LYS A 33 -3.26 -5.04 8.91
C LYS A 33 -4.22 -4.16 8.10
N VAL A 34 -4.71 -4.70 7.00
CA VAL A 34 -5.64 -3.98 6.14
C VAL A 34 -6.51 -4.96 5.36
N THR A 35 -7.79 -4.63 5.23
CA THR A 35 -8.74 -5.46 4.49
C THR A 35 -8.64 -5.17 3.00
N ILE A 36 -7.66 -5.79 2.35
CA ILE A 36 -7.46 -5.59 0.90
C ILE A 36 -8.79 -5.74 0.15
N VAL A 37 -8.81 -5.32 -1.12
CA VAL A 37 -10.03 -5.39 -1.94
C VAL A 37 -9.72 -6.11 -3.26
N GLY A 38 -9.37 -5.33 -4.28
CA GLY A 38 -9.05 -5.87 -5.62
C GLY A 38 -7.61 -5.57 -6.01
N GLU A 39 -7.36 -5.54 -7.31
CA GLU A 39 -6.01 -5.27 -7.83
C GLU A 39 -6.09 -4.41 -9.10
N GLU A 40 -5.11 -3.52 -9.25
CA GLU A 40 -5.07 -2.63 -10.43
C GLU A 40 -3.62 -2.34 -10.81
N GLY A 41 -3.27 -2.66 -12.05
CA GLY A 41 -1.91 -2.44 -12.55
C GLY A 41 -0.87 -3.08 -11.64
N ALA A 42 0.14 -2.31 -11.25
CA ALA A 42 1.21 -2.81 -10.36
C ALA A 42 0.95 -2.36 -8.93
N PHE A 43 -0.31 -2.28 -8.54
CA PHE A 43 -0.69 -1.87 -7.18
C PHE A 43 -2.10 -2.35 -6.86
N TYR A 44 -2.45 -2.24 -5.58
CA TYR A 44 -3.78 -2.65 -5.07
C TYR A 44 -4.40 -1.53 -4.24
N LYS A 45 -5.70 -1.63 -4.01
CA LYS A 45 -6.44 -0.61 -3.24
C LYS A 45 -6.35 -0.93 -1.76
N ILE A 46 -6.23 0.12 -0.94
CA ILE A 46 -6.15 -0.02 0.51
C ILE A 46 -6.93 1.10 1.19
N GLU A 47 -7.34 0.82 2.43
CA GLU A 47 -8.11 1.79 3.26
C GLU A 47 -7.39 2.03 4.58
N TYR A 48 -6.57 3.08 4.62
CA TYR A 48 -5.82 3.43 5.85
C TYR A 48 -6.05 4.90 6.19
N LYS A 49 -6.04 5.21 7.48
CA LYS A 49 -6.24 6.59 7.94
C LYS A 49 -7.55 7.18 7.36
N GLY A 50 -8.43 6.31 6.88
CA GLY A 50 -9.69 6.74 6.28
C GLY A 50 -9.46 7.40 4.92
N SER A 51 -8.19 7.43 4.51
CA SER A 51 -7.78 8.02 3.21
C SER A 51 -7.46 6.92 2.21
N HIS A 52 -7.24 7.33 0.95
CA HIS A 52 -6.92 6.38 -0.13
C HIS A 52 -5.41 6.45 -0.47
N GLY A 53 -4.82 5.29 -0.70
CA GLY A 53 -3.39 5.21 -1.03
C GLY A 53 -3.11 3.98 -1.89
N TYR A 54 -1.91 3.95 -2.47
CA TYR A 54 -1.49 2.82 -3.34
C TYR A 54 -0.07 2.40 -3.01
N VAL A 55 0.22 1.13 -3.25
CA VAL A 55 1.56 0.57 -2.95
C VAL A 55 1.87 -0.57 -3.92
N ALA A 56 3.15 -0.75 -4.20
CA ALA A 56 3.59 -1.81 -5.10
C ALA A 56 3.22 -3.19 -4.52
N LYS A 57 2.51 -3.96 -5.33
CA LYS A 57 2.07 -5.31 -4.92
C LYS A 57 3.23 -6.30 -5.03
N GLU A 58 4.12 -6.05 -5.99
CA GLU A 58 5.27 -6.94 -6.21
C GLU A 58 6.09 -7.09 -4.93
N TYR A 59 6.16 -6.01 -4.15
CA TYR A 59 6.89 -6.03 -2.88
C TYR A 59 6.29 -7.07 -1.95
N ILE A 60 4.96 -7.14 -1.90
CA ILE A 60 4.26 -8.10 -1.03
C ILE A 60 4.03 -9.42 -1.79
#